data_4HOI
#
_entry.id   4HOI
#
_cell.length_a   91.276
_cell.length_b   91.276
_cell.length_c   172.521
_cell.angle_alpha   90.000
_cell.angle_beta   90.000
_cell.angle_gamma   120.000
#
_symmetry.space_group_name_H-M   'P 32 2 1'
#
loop_
_entity.id
_entity.type
_entity.pdbx_description
1 polymer 'Potassium voltage-gated channel subfamily H member 1'
2 non-polymer 'SULFATE ION'
3 water water
#
_entity_poly.entity_id   1
_entity_poly.type   'polypeptide(L)'
_entity_poly.pdbx_seq_one_letter_code
;GSHMTNFVLGNAQIVDWPIVYSNDGFCKLSGYHRAEVMQKSSACSFMYGELTDKDTVEKVRQTFENYEMNSFEILMYKKN
RTPVWFFVKIAPIRNEQDKVVLFLCTFSDITAFK
;
_entity_poly.pdbx_strand_id   A,B,C,D
#
loop_
_chem_comp.id
_chem_comp.type
_chem_comp.name
_chem_comp.formula
SO4 non-polymer 'SULFATE ION' 'O4 S -2'
#
# COMPACT_ATOMS: atom_id res chain seq x y z
N SER A 2 -7.83 -17.70 -32.14
CA SER A 2 -7.33 -18.98 -31.64
C SER A 2 -7.43 -19.10 -30.12
N HIS A 3 -7.19 -18.00 -29.40
CA HIS A 3 -7.17 -18.03 -27.93
C HIS A 3 -6.16 -19.09 -27.46
N MET A 4 -5.22 -19.49 -28.34
CA MET A 4 -4.18 -20.45 -27.96
C MET A 4 -2.97 -19.80 -27.31
N THR A 5 -3.08 -18.52 -26.99
CA THR A 5 -2.01 -17.84 -26.31
C THR A 5 -1.66 -18.52 -24.97
N ASN A 6 -2.70 -18.84 -24.19
CA ASN A 6 -2.52 -19.44 -22.88
C ASN A 6 -3.41 -20.65 -22.76
N PHE A 7 -2.82 -21.83 -22.56
CA PHE A 7 -3.63 -23.03 -22.44
C PHE A 7 -2.95 -24.16 -21.69
N VAL A 8 -3.79 -25.08 -21.19
CA VAL A 8 -3.33 -26.33 -20.62
C VAL A 8 -4.14 -27.48 -21.23
N LEU A 9 -3.58 -28.67 -21.17
CA LEU A 9 -4.30 -29.90 -21.49
C LEU A 9 -4.45 -30.69 -20.22
N GLY A 10 -5.65 -31.20 -19.96
CA GLY A 10 -5.88 -32.11 -18.85
C GLY A 10 -6.26 -33.50 -19.33
N ASN A 11 -5.85 -34.51 -18.56
CA ASN A 11 -6.18 -35.89 -18.88
C ASN A 11 -7.61 -36.22 -18.48
N ALA A 12 -8.46 -36.48 -19.45
CA ALA A 12 -9.88 -36.69 -19.18
C ALA A 12 -10.16 -37.99 -18.48
N GLN A 13 -9.18 -38.90 -18.50
CA GLN A 13 -9.42 -40.27 -18.07
C GLN A 13 -8.82 -40.57 -16.69
N ILE A 14 -8.43 -39.53 -15.95
CA ILE A 14 -7.93 -39.71 -14.59
C ILE A 14 -8.67 -38.75 -13.69
N VAL A 15 -8.98 -39.19 -12.47
CA VAL A 15 -9.75 -38.39 -11.53
C VAL A 15 -9.09 -37.02 -11.33
N ASP A 16 -9.91 -35.98 -11.29
CA ASP A 16 -9.46 -34.59 -11.15
C ASP A 16 -8.83 -34.01 -12.41
N TRP A 17 -8.76 -34.80 -13.49
CA TRP A 17 -8.34 -34.26 -14.78
C TRP A 17 -6.97 -33.57 -14.74
N PRO A 18 -5.95 -34.30 -14.33
CA PRO A 18 -4.64 -33.66 -14.09
C PRO A 18 -4.05 -33.02 -15.35
N ILE A 19 -3.39 -31.90 -15.16
CA ILE A 19 -2.78 -31.18 -16.25
C ILE A 19 -1.57 -31.99 -16.75
N VAL A 20 -1.53 -32.26 -18.06
CA VAL A 20 -0.43 -33.03 -18.65
C VAL A 20 0.37 -32.16 -19.59
N TYR A 21 -0.07 -30.92 -19.77
CA TYR A 21 0.65 -29.95 -20.58
C TYR A 21 0.21 -28.56 -20.23
N SER A 22 1.19 -27.65 -20.10
CA SER A 22 0.90 -26.25 -19.86
C SER A 22 1.84 -25.46 -20.73
N ASN A 23 1.33 -24.52 -21.50
CA ASN A 23 2.23 -23.77 -22.38
C ASN A 23 2.87 -22.59 -21.63
N ASP A 24 3.83 -21.94 -22.27
CA ASP A 24 4.57 -20.85 -21.64
C ASP A 24 3.62 -19.70 -21.28
N GLY A 25 2.63 -19.47 -22.12
CA GLY A 25 1.68 -18.39 -21.90
C GLY A 25 0.92 -18.60 -20.61
N PHE A 26 0.40 -19.81 -20.38
CA PHE A 26 -0.32 -20.04 -19.15
C PHE A 26 0.55 -19.83 -17.90
N CYS A 27 1.80 -20.27 -17.98
CA CYS A 27 2.70 -20.13 -16.85
C CYS A 27 2.89 -18.65 -16.53
N LYS A 28 3.02 -17.86 -17.59
CA LYS A 28 3.20 -16.44 -17.43
C LYS A 28 1.94 -15.76 -16.90
N LEU A 29 0.81 -16.13 -17.47
CA LEU A 29 -0.45 -15.50 -17.10
C LEU A 29 -0.79 -15.81 -15.65
N SER A 30 -0.59 -17.06 -15.24
CA SER A 30 -0.98 -17.51 -13.91
C SER A 30 0.05 -17.18 -12.82
N GLY A 31 1.32 -16.97 -13.19
CA GLY A 31 2.33 -16.71 -12.20
C GLY A 31 3.01 -17.98 -11.70
N TYR A 32 2.53 -19.14 -12.16
CA TYR A 32 3.06 -20.43 -11.76
C TYR A 32 4.01 -21.05 -12.80
N HIS A 33 5.14 -21.58 -12.32
CA HIS A 33 6.10 -22.32 -13.15
C HIS A 33 5.45 -23.64 -13.61
N ARG A 34 5.87 -24.17 -14.75
CA ARG A 34 5.31 -25.42 -15.29
C ARG A 34 5.34 -26.56 -14.26
N ALA A 35 6.48 -26.72 -13.57
CA ALA A 35 6.61 -27.65 -12.44
C ALA A 35 5.50 -27.58 -11.41
N GLU A 36 4.98 -26.38 -11.16
CA GLU A 36 3.93 -26.18 -10.17
C GLU A 36 2.54 -26.46 -10.75
N VAL A 37 2.40 -26.39 -12.05
CA VAL A 37 1.11 -26.59 -12.69
C VAL A 37 0.86 -28.06 -13.05
N MET A 38 1.91 -28.80 -13.40
CA MET A 38 1.73 -30.15 -13.91
C MET A 38 1.08 -30.99 -12.81
N GLN A 39 0.11 -31.80 -13.22
CA GLN A 39 -0.61 -32.72 -12.32
C GLN A 39 -1.65 -32.05 -11.43
N LYS A 40 -1.68 -30.72 -11.37
CA LYS A 40 -2.79 -30.03 -10.72
C LYS A 40 -4.07 -30.27 -11.54
N SER A 41 -5.24 -30.06 -10.93
CA SER A 41 -6.49 -30.28 -11.65
C SER A 41 -6.59 -29.26 -12.77
N SER A 42 -6.98 -29.68 -13.98
CA SER A 42 -7.12 -28.70 -15.04
C SER A 42 -8.34 -27.79 -14.81
N ALA A 43 -9.14 -28.08 -13.78
CA ALA A 43 -10.17 -27.14 -13.34
C ALA A 43 -9.53 -25.90 -12.68
N CYS A 44 -8.26 -26.01 -12.35
CA CYS A 44 -7.47 -24.88 -11.83
C CYS A 44 -7.95 -24.42 -10.47
N SER A 45 -8.41 -25.36 -9.67
CA SER A 45 -8.87 -25.07 -8.34
C SER A 45 -7.72 -24.61 -7.49
N PHE A 46 -6.49 -24.92 -7.89
CA PHE A 46 -5.35 -24.35 -7.16
C PHE A 46 -5.30 -22.81 -7.25
N MET A 47 -6.09 -22.22 -8.14
CA MET A 47 -6.15 -20.76 -8.27
C MET A 47 -7.42 -20.14 -7.68
N TYR A 48 -8.30 -20.95 -7.12
CA TYR A 48 -9.54 -20.43 -6.52
C TYR A 48 -9.22 -19.76 -5.18
N GLY A 49 -10.07 -18.83 -4.77
CA GLY A 49 -9.88 -18.17 -3.50
C GLY A 49 -11.17 -17.55 -3.03
N GLU A 50 -11.06 -16.73 -1.99
CA GLU A 50 -12.19 -16.12 -1.32
C GLU A 50 -13.22 -15.50 -2.27
N LEU A 51 -12.76 -14.76 -3.26
CA LEU A 51 -13.61 -13.98 -4.15
C LEU A 51 -14.17 -14.80 -5.33
N THR A 52 -13.65 -16.00 -5.54
CA THR A 52 -14.10 -16.85 -6.64
C THR A 52 -15.56 -17.22 -6.40
N ASP A 53 -16.37 -17.12 -7.44
CA ASP A 53 -17.82 -17.36 -7.29
C ASP A 53 -18.05 -18.86 -7.19
N LYS A 54 -18.62 -19.30 -6.08
CA LYS A 54 -18.72 -20.73 -5.81
C LYS A 54 -19.72 -21.49 -6.71
N ASP A 55 -20.71 -20.77 -7.25
CA ASP A 55 -21.62 -21.38 -8.23
C ASP A 55 -20.87 -21.61 -9.54
N THR A 56 -19.96 -20.69 -9.86
CA THR A 56 -19.21 -20.83 -11.09
C THR A 56 -18.28 -22.04 -10.96
N VAL A 57 -17.67 -22.19 -9.78
CA VAL A 57 -16.79 -23.31 -9.49
C VAL A 57 -17.55 -24.61 -9.70
N GLU A 58 -18.80 -24.63 -9.27
CA GLU A 58 -19.62 -25.83 -9.42
C GLU A 58 -19.93 -26.10 -10.89
N LYS A 59 -20.27 -25.07 -11.65
CA LYS A 59 -20.52 -25.25 -13.08
C LYS A 59 -19.26 -25.76 -13.79
N VAL A 60 -18.10 -25.25 -13.39
CA VAL A 60 -16.85 -25.70 -14.00
C VAL A 60 -16.64 -27.18 -13.73
N ARG A 61 -16.83 -27.60 -12.49
CA ARG A 61 -16.71 -29.01 -12.14
C ARG A 61 -17.64 -29.87 -13.00
N GLN A 62 -18.92 -29.47 -13.11
CA GLN A 62 -19.89 -30.28 -13.87
C GLN A 62 -19.54 -30.36 -15.35
N THR A 63 -18.86 -29.34 -15.85
CA THR A 63 -18.42 -29.31 -17.24
C THR A 63 -17.42 -30.43 -17.50
N PHE A 64 -16.43 -30.57 -16.63
CA PHE A 64 -15.49 -31.68 -16.73
C PHE A 64 -16.18 -33.01 -16.49
N GLU A 65 -16.96 -33.08 -15.41
CA GLU A 65 -17.56 -34.33 -14.99
C GLU A 65 -18.40 -34.93 -16.11
N ASN A 66 -19.06 -34.06 -16.85
CA ASN A 66 -19.99 -34.48 -17.88
C ASN A 66 -19.42 -34.41 -19.30
N TYR A 67 -18.11 -34.18 -19.40
CA TYR A 67 -17.44 -34.05 -20.69
C TYR A 67 -18.12 -33.06 -21.63
N GLU A 68 -18.46 -31.88 -21.10
CA GLU A 68 -19.14 -30.82 -21.84
C GLU A 68 -18.20 -29.75 -22.36
N MET A 69 -18.67 -28.97 -23.33
CA MET A 69 -17.94 -27.80 -23.81
C MET A 69 -18.64 -26.56 -23.25
N ASN A 70 -17.98 -25.83 -22.35
CA ASN A 70 -18.57 -24.63 -21.76
C ASN A 70 -17.50 -23.56 -21.56
N SER A 71 -17.89 -22.32 -21.32
CA SER A 71 -16.88 -21.29 -21.07
C SER A 71 -17.42 -20.42 -19.94
N PHE A 72 -16.53 -19.80 -19.19
CA PHE A 72 -16.91 -19.09 -17.98
C PHE A 72 -16.04 -17.86 -17.78
N GLU A 73 -16.61 -16.84 -17.13
CA GLU A 73 -15.78 -15.77 -16.54
C GLU A 73 -15.61 -16.11 -15.07
N ILE A 74 -14.39 -16.08 -14.57
CA ILE A 74 -14.14 -16.55 -13.23
C ILE A 74 -13.02 -15.79 -12.58
N LEU A 75 -13.21 -15.46 -11.30
CA LEU A 75 -12.22 -14.66 -10.58
C LEU A 75 -11.27 -15.63 -9.95
N MET A 76 -10.00 -15.56 -10.35
CA MET A 76 -8.99 -16.46 -9.84
C MET A 76 -7.80 -15.64 -9.36
N TYR A 77 -6.85 -16.34 -8.77
CA TYR A 77 -5.74 -15.69 -8.12
C TYR A 77 -4.44 -16.18 -8.73
N LYS A 78 -3.60 -15.25 -9.17
CA LYS A 78 -2.25 -15.60 -9.61
C LYS A 78 -1.48 -16.12 -8.42
N LYS A 79 -0.31 -16.72 -8.66
CA LYS A 79 0.49 -17.26 -7.56
C LYS A 79 0.76 -16.22 -6.47
N ASN A 80 1.04 -14.98 -6.87
CA ASN A 80 1.30 -13.92 -5.92
C ASN A 80 0.07 -13.30 -5.22
N ARG A 81 -1.09 -13.92 -5.40
CA ARG A 81 -2.36 -13.52 -4.76
C ARG A 81 -3.11 -12.39 -5.43
N THR A 82 -2.59 -11.86 -6.54
CA THR A 82 -3.32 -10.86 -7.31
C THR A 82 -4.60 -11.46 -7.89
N PRO A 83 -5.75 -10.83 -7.62
CA PRO A 83 -6.99 -11.32 -8.22
C PRO A 83 -7.11 -10.87 -9.65
N VAL A 84 -7.56 -11.78 -10.52
CA VAL A 84 -7.64 -11.54 -11.94
CA VAL A 84 -7.66 -11.53 -11.94
C VAL A 84 -8.92 -12.19 -12.47
N TRP A 85 -9.61 -11.50 -13.37
CA TRP A 85 -10.75 -12.11 -14.04
C TRP A 85 -10.25 -12.84 -15.27
N PHE A 86 -10.57 -14.13 -15.36
CA PHE A 86 -10.23 -14.95 -16.51
CA PHE A 86 -10.24 -14.96 -16.51
C PHE A 86 -11.47 -15.29 -17.30
N PHE A 87 -11.30 -15.37 -18.60
CA PHE A 87 -12.27 -16.02 -19.43
C PHE A 87 -11.65 -17.37 -19.72
N VAL A 88 -12.37 -18.43 -19.36
CA VAL A 88 -11.89 -19.80 -19.51
C VAL A 88 -12.81 -20.59 -20.41
N LYS A 89 -12.24 -21.21 -21.45
CA LYS A 89 -12.99 -22.13 -22.29
CA LYS A 89 -12.96 -22.13 -22.34
C LYS A 89 -12.49 -23.55 -22.10
N ILE A 90 -13.44 -24.46 -21.89
CA ILE A 90 -13.15 -25.85 -21.62
C ILE A 90 -13.69 -26.66 -22.79
N ALA A 91 -12.83 -27.44 -23.41
CA ALA A 91 -13.24 -28.16 -24.60
C ALA A 91 -12.68 -29.57 -24.58
N PRO A 92 -13.57 -30.56 -24.53
CA PRO A 92 -13.13 -31.95 -24.71
C PRO A 92 -12.47 -32.21 -26.03
N ILE A 93 -11.42 -33.00 -25.98
CA ILE A 93 -10.76 -33.51 -27.17
CA ILE A 93 -10.75 -33.50 -27.16
C ILE A 93 -10.95 -35.01 -27.25
N ARG A 94 -11.50 -35.45 -28.37
CA ARG A 94 -11.77 -36.86 -28.60
C ARG A 94 -10.73 -37.50 -29.49
N ASN A 95 -10.42 -38.76 -29.22
CA ASN A 95 -9.62 -39.56 -30.14
C ASN A 95 -10.45 -40.01 -31.35
N GLU A 96 -9.84 -40.78 -32.23
CA GLU A 96 -10.51 -41.18 -33.45
C GLU A 96 -11.62 -42.20 -33.23
N GLN A 97 -11.72 -42.72 -32.01
CA GLN A 97 -12.81 -43.61 -31.64
C GLN A 97 -13.92 -42.83 -30.89
N ASP A 98 -13.82 -41.50 -30.94
CA ASP A 98 -14.79 -40.60 -30.32
C ASP A 98 -14.83 -40.64 -28.80
N LYS A 99 -13.78 -41.19 -28.19
CA LYS A 99 -13.65 -41.17 -26.74
C LYS A 99 -12.95 -39.89 -26.32
N VAL A 100 -13.47 -39.22 -25.28
CA VAL A 100 -12.81 -38.04 -24.76
C VAL A 100 -11.50 -38.43 -24.05
N VAL A 101 -10.36 -37.96 -24.56
CA VAL A 101 -9.08 -38.31 -23.96
C VAL A 101 -8.45 -37.15 -23.20
N LEU A 102 -8.75 -35.92 -23.61
CA LEU A 102 -8.14 -34.74 -23.00
C LEU A 102 -9.15 -33.62 -22.91
N PHE A 103 -8.85 -32.64 -22.06
CA PHE A 103 -9.58 -31.39 -22.07
C PHE A 103 -8.62 -30.29 -22.48
N LEU A 104 -9.03 -29.47 -23.44
CA LEU A 104 -8.24 -28.30 -23.76
C LEU A 104 -8.85 -27.13 -23.01
N CYS A 105 -8.07 -26.47 -22.18
CA CYS A 105 -8.58 -25.32 -21.43
C CYS A 105 -7.77 -24.11 -21.84
N THR A 106 -8.47 -23.08 -22.30
CA THR A 106 -7.85 -21.89 -22.84
CA THR A 106 -7.82 -21.89 -22.81
C THR A 106 -8.25 -20.69 -21.96
N PHE A 107 -7.33 -19.77 -21.77
CA PHE A 107 -7.49 -18.70 -20.79
C PHE A 107 -7.10 -17.34 -21.32
N SER A 108 -7.85 -16.30 -20.94
CA SER A 108 -7.37 -14.95 -21.17
C SER A 108 -7.76 -14.06 -19.99
N ASP A 109 -7.00 -13.00 -19.80
CA ASP A 109 -7.23 -12.03 -18.72
C ASP A 109 -8.19 -10.97 -19.19
N ILE A 110 -9.41 -10.96 -18.65
CA ILE A 110 -10.40 -9.97 -19.06
C ILE A 110 -10.65 -8.92 -17.98
N THR A 111 -9.72 -8.80 -17.04
CA THR A 111 -9.88 -7.84 -15.93
C THR A 111 -10.20 -6.42 -16.42
N ALA A 112 -9.54 -5.99 -17.49
CA ALA A 112 -9.70 -4.62 -17.97
C ALA A 112 -11.10 -4.32 -18.48
N PHE A 113 -11.83 -5.35 -18.89
CA PHE A 113 -13.13 -5.16 -19.54
C PHE A 113 -14.29 -5.67 -18.70
N LYS A 114 -13.97 -6.37 -17.61
CA LYS A 114 -15.00 -7.04 -16.84
C LYS A 114 -15.95 -6.05 -16.19
N GLY B 1 1.25 0.91 11.65
CA GLY B 1 2.27 1.89 11.37
C GLY B 1 1.66 3.27 11.22
N SER B 2 2.49 4.27 10.91
CA SER B 2 1.97 5.62 10.71
C SER B 2 0.93 5.61 9.58
N HIS B 3 1.23 4.82 8.54
CA HIS B 3 0.32 4.61 7.41
C HIS B 3 0.10 5.88 6.61
N MET B 4 1.06 6.80 6.66
CA MET B 4 0.85 8.07 6.00
C MET B 4 1.38 8.14 4.57
N THR B 5 1.77 7.00 4.02
CA THR B 5 2.28 6.96 2.65
C THR B 5 1.19 7.39 1.67
N ASN B 6 -0.04 6.91 1.88
CA ASN B 6 -1.17 7.17 0.98
C ASN B 6 -2.34 7.63 1.82
N PHE B 7 -2.74 8.88 1.69
CA PHE B 7 -3.89 9.35 2.47
C PHE B 7 -4.69 10.46 1.79
N VAL B 8 -5.95 10.60 2.22
CA VAL B 8 -6.79 11.75 1.88
C VAL B 8 -7.38 12.37 3.15
N LEU B 9 -7.84 13.61 3.03
CA LEU B 9 -8.58 14.28 4.08
C LEU B 9 -9.97 14.56 3.55
N GLY B 10 -10.99 14.26 4.36
CA GLY B 10 -12.38 14.49 4.00
C GLY B 10 -12.99 15.56 4.87
N ASN B 11 -13.90 16.35 4.31
CA ASN B 11 -14.57 17.37 5.10
C ASN B 11 -15.71 16.75 5.90
N ALA B 12 -15.59 16.76 7.22
CA ALA B 12 -16.54 16.06 8.08
C ALA B 12 -17.89 16.76 8.14
N GLN B 13 -17.91 18.02 7.73
CA GLN B 13 -19.06 18.86 7.97
C GLN B 13 -19.89 19.11 6.72
N ILE B 14 -19.59 18.37 5.66
CA ILE B 14 -20.36 18.45 4.40
C ILE B 14 -20.85 17.07 4.01
N VAL B 15 -22.10 16.97 3.56
CA VAL B 15 -22.67 15.68 3.15
C VAL B 15 -21.74 14.92 2.20
N ASP B 16 -21.65 13.61 2.40
CA ASP B 16 -20.75 12.70 1.65
C ASP B 16 -19.26 12.89 1.94
N TRP B 17 -18.91 13.79 2.87
CA TRP B 17 -17.53 13.90 3.34
C TRP B 17 -16.51 14.08 2.19
N PRO B 18 -16.69 15.13 1.40
CA PRO B 18 -15.83 15.36 0.23
C PRO B 18 -14.36 15.48 0.54
N ILE B 19 -13.55 14.86 -0.32
CA ILE B 19 -12.10 14.93 -0.22
C ILE B 19 -11.61 16.36 -0.48
N VAL B 20 -10.86 16.88 0.49
CA VAL B 20 -10.31 18.23 0.36
C VAL B 20 -8.78 18.19 0.25
N TYR B 21 -8.21 17.00 0.33
CA TYR B 21 -6.77 16.80 0.13
C TYR B 21 -6.51 15.35 -0.22
N SER B 22 -5.66 15.15 -1.22
CA SER B 22 -5.20 13.82 -1.55
C SER B 22 -3.69 13.93 -1.76
N ASN B 23 -2.89 13.10 -1.10
CA ASN B 23 -1.46 13.20 -1.29
C ASN B 23 -1.00 12.45 -2.55
N ASP B 24 0.28 12.59 -2.89
CA ASP B 24 0.78 11.98 -4.10
C ASP B 24 0.67 10.46 -4.01
N GLY B 25 0.87 9.91 -2.82
CA GLY B 25 0.82 8.46 -2.69
C GLY B 25 -0.56 7.92 -3.07
N PHE B 26 -1.61 8.57 -2.58
CA PHE B 26 -2.97 8.09 -2.86
C PHE B 26 -3.27 8.12 -4.35
N CYS B 27 -2.82 9.18 -5.02
CA CYS B 27 -3.01 9.28 -6.45
C CYS B 27 -2.35 8.12 -7.15
N LYS B 28 -1.11 7.79 -6.76
CA LYS B 28 -0.39 6.68 -7.37
C LYS B 28 -1.04 5.34 -7.06
N LEU B 29 -1.42 5.15 -5.81
CA LEU B 29 -2.01 3.89 -5.35
C LEU B 29 -3.31 3.58 -6.09
N SER B 30 -4.16 4.59 -6.17
CA SER B 30 -5.49 4.43 -6.72
C SER B 30 -5.51 4.50 -8.25
N GLY B 31 -4.49 5.12 -8.86
CA GLY B 31 -4.45 5.25 -10.31
C GLY B 31 -5.13 6.54 -10.79
N TYR B 32 -5.71 7.29 -9.87
CA TYR B 32 -6.46 8.51 -10.22
C TYR B 32 -5.63 9.78 -10.02
N HIS B 33 -5.76 10.73 -10.94
CA HIS B 33 -5.18 12.06 -10.77
C HIS B 33 -5.82 12.81 -9.59
N ARG B 34 -5.07 13.71 -8.97
CA ARG B 34 -5.60 14.50 -7.87
C ARG B 34 -6.91 15.19 -8.25
N ALA B 35 -6.98 15.79 -9.43
CA ALA B 35 -8.19 16.49 -9.86
C ALA B 35 -9.41 15.53 -9.93
N GLU B 36 -9.14 14.25 -10.18
CA GLU B 36 -10.19 13.24 -10.23
C GLU B 36 -10.65 12.81 -8.85
N VAL B 37 -9.76 12.93 -7.86
CA VAL B 37 -10.04 12.49 -6.51
C VAL B 37 -10.72 13.58 -5.72
N MET B 38 -10.32 14.83 -5.95
CA MET B 38 -10.86 15.95 -5.16
C MET B 38 -12.38 16.00 -5.28
N GLN B 39 -13.04 16.24 -4.14
CA GLN B 39 -14.51 16.35 -4.04
C GLN B 39 -15.28 15.01 -4.11
N LYS B 40 -14.59 13.92 -4.42
CA LYS B 40 -15.18 12.61 -4.29
C LYS B 40 -15.43 12.37 -2.81
N SER B 41 -16.36 11.49 -2.48
CA SER B 41 -16.58 11.14 -1.09
C SER B 41 -15.34 10.43 -0.50
N SER B 42 -15.01 10.76 0.75
CA SER B 42 -13.92 10.13 1.50
CA SER B 42 -13.85 10.12 1.37
C SER B 42 -14.13 8.64 1.71
N ALA B 43 -15.37 8.20 1.58
CA ALA B 43 -15.70 6.78 1.63
C ALA B 43 -15.14 6.03 0.41
N CYS B 44 -14.69 6.76 -0.61
CA CYS B 44 -14.12 6.16 -1.83
C CYS B 44 -15.07 5.27 -2.61
N SER B 45 -16.33 5.64 -2.63
CA SER B 45 -17.32 4.87 -3.34
C SER B 45 -17.07 4.94 -4.85
N PHE B 46 -16.33 5.95 -5.31
CA PHE B 46 -15.96 5.99 -6.72
C PHE B 46 -15.05 4.82 -7.11
N MET B 47 -14.47 4.15 -6.12
CA MET B 47 -13.63 2.98 -6.39
C MET B 47 -14.32 1.63 -6.12
N TYR B 48 -15.58 1.62 -5.70
CA TYR B 48 -16.25 0.34 -5.43
C TYR B 48 -16.60 -0.36 -6.74
N GLY B 49 -16.81 -1.66 -6.68
CA GLY B 49 -17.29 -2.42 -7.84
C GLY B 49 -17.99 -3.69 -7.39
N GLU B 50 -18.23 -4.61 -8.32
CA GLU B 50 -19.06 -5.78 -8.00
C GLU B 50 -18.48 -6.66 -6.89
N LEU B 51 -17.15 -6.76 -6.80
CA LEU B 51 -16.53 -7.62 -5.79
C LEU B 51 -16.44 -6.98 -4.40
N THR B 52 -16.69 -5.67 -4.33
CA THR B 52 -16.63 -4.95 -3.06
C THR B 52 -17.73 -5.49 -2.13
N ASP B 53 -17.38 -5.77 -0.89
CA ASP B 53 -18.33 -6.37 0.04
C ASP B 53 -19.33 -5.32 0.56
N LYS B 54 -20.62 -5.54 0.32
CA LYS B 54 -21.62 -4.52 0.61
C LYS B 54 -21.83 -4.28 2.10
N ASP B 55 -21.61 -5.32 2.92
CA ASP B 55 -21.66 -5.13 4.36
C ASP B 55 -20.51 -4.24 4.84
N THR B 56 -19.33 -4.38 4.22
CA THR B 56 -18.21 -3.53 4.54
C THR B 56 -18.46 -2.09 4.11
N VAL B 57 -19.08 -1.93 2.96
CA VAL B 57 -19.45 -0.59 2.50
C VAL B 57 -20.36 0.09 3.52
N GLU B 58 -21.37 -0.62 4.01
CA GLU B 58 -22.29 -0.03 4.99
C GLU B 58 -21.57 0.34 6.30
N LYS B 59 -20.62 -0.48 6.75
CA LYS B 59 -19.88 -0.17 7.98
C LYS B 59 -18.93 1.01 7.81
N VAL B 60 -18.36 1.15 6.63
CA VAL B 60 -17.54 2.32 6.31
C VAL B 60 -18.43 3.59 6.37
N ARG B 61 -19.57 3.56 5.71
CA ARG B 61 -20.52 4.66 5.75
C ARG B 61 -20.88 5.01 7.20
N GLN B 62 -21.22 4.00 7.99
CA GLN B 62 -21.61 4.24 9.39
C GLN B 62 -20.46 4.87 10.19
N THR B 63 -19.23 4.54 9.83
CA THR B 63 -18.07 5.10 10.52
C THR B 63 -18.04 6.62 10.35
N PHE B 64 -18.19 7.09 9.11
CA PHE B 64 -18.24 8.53 8.86
C PHE B 64 -19.47 9.13 9.52
N GLU B 65 -20.62 8.47 9.36
CA GLU B 65 -21.86 9.04 9.87
C GLU B 65 -21.84 9.26 11.38
N ASN B 66 -21.13 8.39 12.08
CA ASN B 66 -21.06 8.45 13.53
C ASN B 66 -19.77 9.08 14.07
N TYR B 67 -18.95 9.61 13.17
CA TYR B 67 -17.69 10.25 13.55
C TYR B 67 -16.86 9.31 14.42
N GLU B 68 -16.68 8.08 13.93
CA GLU B 68 -15.94 7.08 14.67
C GLU B 68 -14.58 6.86 14.04
N MET B 69 -13.73 6.20 14.80
CA MET B 69 -12.42 5.75 14.32
C MET B 69 -12.53 4.25 14.11
N ASN B 70 -12.29 3.79 12.90
CA ASN B 70 -12.42 2.36 12.56
C ASN B 70 -11.50 2.05 11.41
N SER B 71 -11.20 0.78 11.18
CA SER B 71 -10.39 0.39 10.02
C SER B 71 -11.02 -0.83 9.38
N PHE B 72 -10.76 -1.01 8.08
CA PHE B 72 -11.40 -2.04 7.30
C PHE B 72 -10.48 -2.60 6.26
N GLU B 73 -10.75 -3.84 5.88
CA GLU B 73 -10.16 -4.42 4.69
C GLU B 73 -11.28 -4.38 3.64
N ILE B 74 -11.00 -3.78 2.49
CA ILE B 74 -12.05 -3.59 1.51
C ILE B 74 -11.48 -3.77 0.10
N LEU B 75 -12.23 -4.50 -0.74
CA LEU B 75 -11.81 -4.79 -2.13
C LEU B 75 -12.29 -3.62 -2.97
N MET B 76 -11.36 -2.86 -3.54
CA MET B 76 -11.70 -1.73 -4.38
C MET B 76 -11.01 -1.84 -5.73
N TYR B 77 -11.28 -0.91 -6.62
CA TYR B 77 -10.76 -1.02 -7.98
C TYR B 77 -9.93 0.21 -8.32
N LYS B 78 -8.71 0.00 -8.82
CA LYS B 78 -7.91 1.11 -9.33
CA LYS B 78 -7.92 1.10 -9.33
C LYS B 78 -8.61 1.68 -10.57
N LYS B 79 -8.20 2.87 -10.98
CA LYS B 79 -8.79 3.49 -12.17
C LYS B 79 -8.74 2.53 -13.35
N ASN B 80 -7.68 1.74 -13.45
CA ASN B 80 -7.52 0.85 -14.59
C ASN B 80 -8.32 -0.47 -14.47
N ARG B 81 -9.19 -0.56 -13.47
CA ARG B 81 -10.08 -1.70 -13.22
C ARG B 81 -9.45 -2.88 -12.47
N THR B 82 -8.17 -2.78 -12.17
CA THR B 82 -7.50 -3.79 -11.34
C THR B 82 -8.11 -3.83 -9.94
N PRO B 83 -8.59 -5.02 -9.53
CA PRO B 83 -9.09 -5.17 -8.16
C PRO B 83 -7.96 -5.30 -7.17
N VAL B 84 -8.08 -4.61 -6.04
CA VAL B 84 -7.01 -4.54 -5.06
C VAL B 84 -7.61 -4.60 -3.67
N TRP B 85 -7.01 -5.38 -2.77
CA TRP B 85 -7.39 -5.31 -1.36
C TRP B 85 -6.73 -4.14 -0.68
N PHE B 86 -7.53 -3.20 -0.18
CA PHE B 86 -7.02 -2.08 0.59
CA PHE B 86 -7.02 -2.08 0.59
C PHE B 86 -7.25 -2.26 2.09
N PHE B 87 -6.27 -1.81 2.87
CA PHE B 87 -6.45 -1.63 4.29
C PHE B 87 -6.67 -0.13 4.45
N VAL B 88 -7.83 0.24 5.01
CA VAL B 88 -8.25 1.62 5.16
CA VAL B 88 -8.22 1.62 5.16
C VAL B 88 -8.47 1.95 6.63
N LYS B 89 -7.83 3.01 7.12
CA LYS B 89 -8.09 3.47 8.47
C LYS B 89 -8.78 4.81 8.38
N ILE B 90 -9.86 4.98 9.13
CA ILE B 90 -10.60 6.24 9.15
C ILE B 90 -10.48 6.84 10.56
N ALA B 91 -10.06 8.09 10.64
CA ALA B 91 -9.83 8.75 11.92
C ALA B 91 -10.40 10.17 11.92
N PRO B 92 -11.30 10.44 12.88
CA PRO B 92 -11.79 11.81 12.96
C PRO B 92 -10.72 12.76 13.48
N ILE B 93 -10.68 13.97 12.94
CA ILE B 93 -9.79 15.02 13.42
C ILE B 93 -10.63 16.12 14.03
N ARG B 94 -10.38 16.42 15.31
CA ARG B 94 -11.13 17.44 16.06
CA ARG B 94 -11.13 17.44 16.05
C ARG B 94 -10.39 18.75 16.15
N ASN B 95 -11.14 19.86 16.08
CA ASN B 95 -10.54 21.17 16.24
C ASN B 95 -10.38 21.48 17.73
N GLU B 96 -9.92 22.67 18.07
CA GLU B 96 -9.65 22.98 19.47
CA GLU B 96 -9.65 23.01 19.47
C GLU B 96 -10.91 23.06 20.32
N GLN B 97 -12.07 23.08 19.67
CA GLN B 97 -13.35 23.10 20.39
C GLN B 97 -13.97 21.69 20.46
N ASP B 98 -13.16 20.68 20.13
CA ASP B 98 -13.52 19.26 20.20
C ASP B 98 -14.53 18.86 19.12
N LYS B 99 -14.68 19.68 18.10
CA LYS B 99 -15.61 19.36 17.02
C LYS B 99 -14.89 18.63 15.89
N VAL B 100 -15.50 17.57 15.38
CA VAL B 100 -14.86 16.85 14.27
C VAL B 100 -14.97 17.70 13.00
N VAL B 101 -13.83 18.11 12.44
CA VAL B 101 -13.82 18.96 11.26
C VAL B 101 -13.41 18.23 10.00
N LEU B 102 -12.60 17.19 10.16
CA LEU B 102 -12.10 16.43 9.01
C LEU B 102 -11.97 14.97 9.39
N PHE B 103 -11.87 14.12 8.37
CA PHE B 103 -11.52 12.72 8.54
C PHE B 103 -10.18 12.50 7.83
N LEU B 104 -9.25 11.86 8.55
CA LEU B 104 -8.01 11.38 7.95
C LEU B 104 -8.25 9.93 7.53
N CYS B 105 -8.12 9.66 6.23
CA CYS B 105 -8.30 8.30 5.72
C CYS B 105 -6.98 7.84 5.09
N THR B 106 -6.41 6.77 5.63
CA THR B 106 -5.12 6.27 5.18
C THR B 106 -5.30 4.90 4.52
N PHE B 107 -4.46 4.60 3.54
CA PHE B 107 -4.67 3.44 2.66
C PHE B 107 -3.39 2.71 2.37
N SER B 108 -3.45 1.38 2.32
CA SER B 108 -2.36 0.62 1.75
C SER B 108 -2.89 -0.62 1.05
N ASP B 109 -2.06 -1.14 0.16
CA ASP B 109 -2.37 -2.31 -0.63
C ASP B 109 -1.93 -3.55 0.12
N ILE B 110 -2.90 -4.33 0.60
CA ILE B 110 -2.60 -5.53 1.36
C ILE B 110 -2.88 -6.79 0.54
N THR B 111 -2.99 -6.64 -0.77
CA THR B 111 -3.30 -7.76 -1.67
C THR B 111 -2.36 -8.94 -1.45
N ALA B 112 -1.09 -8.65 -1.17
CA ALA B 112 -0.12 -9.72 -1.09
C ALA B 112 -0.37 -10.66 0.08
N PHE B 113 -1.00 -10.19 1.16
CA PHE B 113 -1.14 -11.09 2.30
C PHE B 113 -2.57 -11.30 2.76
N LYS B 114 -3.52 -10.65 2.10
CA LYS B 114 -4.92 -10.70 2.53
C LYS B 114 -5.40 -12.13 2.50
N THR C 5 -13.19 27.60 14.31
CA THR C 5 -11.85 28.10 14.60
C THR C 5 -11.10 28.40 13.29
N ASN C 6 -9.88 28.91 13.40
CA ASN C 6 -9.03 29.19 12.25
C ASN C 6 -7.81 28.29 12.35
N PHE C 7 -7.61 27.42 11.37
CA PHE C 7 -6.51 26.48 11.54
C PHE C 7 -5.88 26.01 10.24
N VAL C 8 -4.65 25.51 10.37
CA VAL C 8 -4.01 24.76 9.29
C VAL C 8 -3.61 23.39 9.85
N LEU C 9 -3.46 22.42 8.94
CA LEU C 9 -3.02 21.08 9.29
CA LEU C 9 -3.03 21.10 9.29
C LEU C 9 -1.73 20.80 8.57
N GLY C 10 -0.71 20.39 9.32
CA GLY C 10 0.58 20.07 8.77
C GLY C 10 0.89 18.56 8.84
N ASN C 11 1.60 18.07 7.83
CA ASN C 11 2.02 16.67 7.80
C ASN C 11 3.22 16.48 8.72
N ALA C 12 3.07 15.68 9.77
CA ALA C 12 4.10 15.60 10.80
C ALA C 12 5.36 14.86 10.39
N GLN C 13 5.32 14.11 9.29
CA GLN C 13 6.42 13.20 8.98
C GLN C 13 7.24 13.65 7.79
N ILE C 14 7.04 14.88 7.36
CA ILE C 14 7.82 15.45 6.27
C ILE C 14 8.56 16.66 6.79
N VAL C 15 9.79 16.85 6.32
CA VAL C 15 10.61 17.97 6.77
C VAL C 15 9.80 19.28 6.66
N ASP C 16 9.89 20.13 7.69
CA ASP C 16 9.20 21.42 7.76
C ASP C 16 7.68 21.35 7.99
N TRP C 17 7.14 20.14 8.15
CA TRP C 17 5.73 19.96 8.56
C TRP C 17 4.80 20.73 7.63
N PRO C 18 4.86 20.38 6.34
CA PRO C 18 4.13 21.14 5.31
C PRO C 18 2.61 21.09 5.45
N ILE C 19 2.01 22.26 5.18
CA ILE C 19 0.58 22.43 5.27
C ILE C 19 -0.13 21.58 4.20
N VAL C 20 -1.10 20.78 4.62
CA VAL C 20 -1.89 20.01 3.67
C VAL C 20 -3.35 20.47 3.64
N TYR C 21 -3.72 21.32 4.59
CA TYR C 21 -5.08 21.88 4.60
C TYR C 21 -5.10 23.16 5.40
N SER C 22 -5.88 24.13 4.91
CA SER C 22 -6.15 25.33 5.71
C SER C 22 -7.62 25.66 5.52
N ASN C 23 -8.28 26.11 6.57
CA ASN C 23 -9.70 26.38 6.48
C ASN C 23 -9.95 27.83 6.09
N ASP C 24 -11.21 28.14 5.82
CA ASP C 24 -11.57 29.49 5.42
C ASP C 24 -11.20 30.49 6.49
N GLY C 25 -11.37 30.11 7.75
CA GLY C 25 -11.08 30.99 8.86
C GLY C 25 -9.64 31.48 8.82
N PHE C 26 -8.73 30.56 8.54
CA PHE C 26 -7.33 30.94 8.50
C PHE C 26 -7.03 31.86 7.30
N CYS C 27 -7.66 31.59 6.17
CA CYS C 27 -7.50 32.43 4.97
CA CYS C 27 -7.42 32.40 5.00
C CYS C 27 -7.89 33.84 5.28
N LYS C 28 -9.03 34.00 5.95
CA LYS C 28 -9.54 35.31 6.28
C LYS C 28 -8.67 35.99 7.32
N LEU C 29 -8.13 35.22 8.25
CA LEU C 29 -7.35 35.78 9.33
C LEU C 29 -5.99 36.28 8.82
N SER C 30 -5.41 35.56 7.86
CA SER C 30 -4.03 35.77 7.44
C SER C 30 -3.92 36.63 6.20
N GLY C 31 -4.97 36.64 5.38
CA GLY C 31 -4.93 37.35 4.11
C GLY C 31 -4.50 36.45 2.94
N TYR C 32 -4.03 35.25 3.24
CA TYR C 32 -3.54 34.29 2.25
C TYR C 32 -4.61 33.27 1.87
N HIS C 33 -4.81 32.99 0.58
CA HIS C 33 -5.73 31.92 0.20
CA HIS C 33 -5.73 31.93 0.20
C HIS C 33 -5.06 30.56 0.27
N ARG C 34 -5.86 29.50 0.31
CA ARG C 34 -5.35 28.17 0.52
C ARG C 34 -4.19 27.83 -0.41
N ALA C 35 -4.32 28.13 -1.71
CA ALA C 35 -3.31 27.72 -2.68
C ALA C 35 -1.94 28.32 -2.35
N GLU C 36 -1.93 29.48 -1.72
CA GLU C 36 -0.70 30.18 -1.35
C GLU C 36 0.00 29.61 -0.13
N VAL C 37 -0.71 28.86 0.70
CA VAL C 37 -0.09 28.36 1.93
C VAL C 37 0.18 26.86 1.88
N MET C 38 -0.43 26.18 0.92
CA MET C 38 -0.18 24.75 0.76
C MET C 38 1.30 24.47 0.54
N GLN C 39 1.76 23.44 1.24
CA GLN C 39 3.14 23.00 1.18
C GLN C 39 4.11 23.93 1.93
N LYS C 40 3.63 25.06 2.46
CA LYS C 40 4.47 25.90 3.32
C LYS C 40 4.53 25.27 4.69
N SER C 41 5.55 25.59 5.45
CA SER C 41 5.65 25.04 6.80
C SER C 41 4.45 25.43 7.64
N SER C 42 3.90 24.48 8.37
CA SER C 42 2.80 24.80 9.27
C SER C 42 3.23 25.67 10.46
N ALA C 43 4.52 25.96 10.58
CA ALA C 43 4.97 26.99 11.50
C ALA C 43 4.57 28.39 11.00
N CYS C 44 4.13 28.47 9.75
CA CYS C 44 3.70 29.74 9.15
C CYS C 44 4.76 30.85 9.18
N SER C 45 6.00 30.46 8.92
CA SER C 45 7.12 31.37 8.79
C SER C 45 6.97 32.31 7.60
N PHE C 46 6.08 31.97 6.68
CA PHE C 46 5.80 32.90 5.59
C PHE C 46 5.15 34.19 6.11
N MET C 47 4.64 34.19 7.35
CA MET C 47 4.10 35.41 7.95
C MET C 47 5.05 36.12 8.92
N TYR C 48 6.23 35.59 9.15
CA TYR C 48 7.18 36.30 10.02
C TYR C 48 7.73 37.53 9.35
N GLY C 49 8.11 38.51 10.18
CA GLY C 49 8.71 39.73 9.68
C GLY C 49 9.91 40.02 10.54
N GLU C 50 10.59 41.10 10.21
CA GLU C 50 11.72 41.57 10.96
C GLU C 50 11.48 41.60 12.48
N LEU C 51 10.36 42.20 12.91
CA LEU C 51 10.05 42.36 14.35
C LEU C 51 9.44 41.13 15.06
N THR C 52 9.24 40.04 14.33
CA THR C 52 8.75 38.81 14.95
C THR C 52 9.83 38.32 15.91
N ASP C 53 9.43 38.03 17.15
CA ASP C 53 10.40 37.75 18.19
C ASP C 53 11.18 36.48 17.87
N LYS C 54 12.51 36.59 17.82
CA LYS C 54 13.28 35.47 17.33
C LYS C 54 13.33 34.31 18.32
N ASP C 55 13.22 34.56 19.62
CA ASP C 55 13.19 33.48 20.59
CA ASP C 55 13.19 33.48 20.59
C ASP C 55 11.88 32.73 20.46
N THR C 56 10.80 33.46 20.17
CA THR C 56 9.54 32.80 19.97
C THR C 56 9.59 31.97 18.69
N VAL C 57 10.24 32.47 17.65
CA VAL C 57 10.32 31.72 16.39
C VAL C 57 11.01 30.37 16.66
N GLU C 58 12.08 30.42 17.46
CA GLU C 58 12.83 29.23 17.81
C GLU C 58 12.00 28.25 18.62
N LYS C 59 11.21 28.76 19.56
CA LYS C 59 10.38 27.87 20.40
C LYS C 59 9.21 27.26 19.65
N VAL C 60 8.71 27.99 18.66
CA VAL C 60 7.70 27.43 17.80
C VAL C 60 8.30 26.24 17.07
N ARG C 61 9.48 26.44 16.50
CA ARG C 61 10.10 25.37 15.71
C ARG C 61 10.39 24.16 16.58
N GLN C 62 10.92 24.40 17.78
CA GLN C 62 11.24 23.30 18.69
C GLN C 62 9.99 22.52 19.10
N THR C 63 8.84 23.18 19.11
CA THR C 63 7.59 22.53 19.44
C THR C 63 7.24 21.45 18.42
N PHE C 64 7.36 21.77 17.14
CA PHE C 64 7.27 20.76 16.11
C PHE C 64 8.36 19.69 16.24
N GLU C 65 9.62 20.11 16.37
CA GLU C 65 10.74 19.18 16.45
C GLU C 65 10.50 18.17 17.55
N ASN C 66 9.86 18.60 18.63
CA ASN C 66 9.70 17.76 19.80
C ASN C 66 8.32 17.08 19.90
N TYR C 67 7.47 17.29 18.90
CA TYR C 67 6.13 16.71 18.91
C TYR C 67 5.38 17.04 20.17
N GLU C 68 5.45 18.30 20.57
CA GLU C 68 4.87 18.76 21.80
C GLU C 68 3.61 19.56 21.48
N MET C 69 2.77 19.73 22.48
CA MET C 69 1.73 20.74 22.43
C MET C 69 2.23 22.00 23.14
N ASN C 70 2.18 23.14 22.45
CA ASN C 70 2.58 24.39 23.07
C ASN C 70 1.79 25.50 22.41
N SER C 71 1.68 26.64 23.09
CA SER C 71 1.02 27.83 22.53
CA SER C 71 1.06 27.81 22.47
C SER C 71 1.88 29.05 22.76
N PHE C 72 1.77 30.03 21.86
CA PHE C 72 2.59 31.23 21.89
C PHE C 72 1.81 32.44 21.43
N GLU C 73 2.27 33.61 21.87
CA GLU C 73 1.83 34.88 21.32
C GLU C 73 2.93 35.33 20.38
N ILE C 74 2.56 35.67 19.15
CA ILE C 74 3.58 35.93 18.16
C ILE C 74 3.11 37.00 17.19
N LEU C 75 4.02 37.91 16.85
CA LEU C 75 3.72 39.00 15.93
C LEU C 75 3.92 38.50 14.52
N MET C 76 2.87 38.58 13.73
CA MET C 76 2.85 38.02 12.38
C MET C 76 2.41 39.12 11.44
N TYR C 77 2.58 38.89 10.16
CA TYR C 77 2.26 39.89 9.17
C TYR C 77 1.30 39.27 8.16
N LYS C 78 0.14 39.89 8.00
CA LYS C 78 -0.81 39.45 7.01
C LYS C 78 -0.24 39.65 5.62
N LYS C 79 -0.85 39.00 4.64
CA LYS C 79 -0.39 39.15 3.26
C LYS C 79 -0.24 40.63 2.87
N ASN C 80 -1.13 41.48 3.36
CA ASN C 80 -1.05 42.91 3.01
C ASN C 80 -0.05 43.69 3.88
N ARG C 81 0.77 42.97 4.63
CA ARG C 81 1.87 43.56 5.41
C ARG C 81 1.41 44.16 6.73
N THR C 82 0.14 44.08 7.06
CA THR C 82 -0.33 44.57 8.35
C THR C 82 0.16 43.66 9.48
N PRO C 83 0.86 44.21 10.45
CA PRO C 83 1.31 43.40 11.59
C PRO C 83 0.11 43.10 12.52
N VAL C 84 0.02 41.88 13.00
CA VAL C 84 -1.04 41.45 13.90
C VAL C 84 -0.45 40.52 14.92
N TRP C 85 -0.99 40.55 16.13
CA TRP C 85 -0.62 39.59 17.16
C TRP C 85 -1.55 38.40 17.11
N PHE C 86 -0.96 37.20 17.01
CA PHE C 86 -1.70 35.96 16.99
C PHE C 86 -1.39 35.18 18.24
N PHE C 87 -2.41 34.53 18.77
CA PHE C 87 -2.23 33.43 19.68
C PHE C 87 -2.25 32.18 18.83
N VAL C 88 -1.19 31.38 18.89
CA VAL C 88 -1.08 30.16 18.08
C VAL C 88 -0.90 28.97 19.00
N LYS C 89 -1.73 27.95 18.79
CA LYS C 89 -1.59 26.68 19.47
C LYS C 89 -1.21 25.60 18.49
N ILE C 90 -0.15 24.85 18.83
CA ILE C 90 0.31 23.73 18.02
C ILE C 90 -0.02 22.43 18.76
N ALA C 91 -0.80 21.57 18.12
CA ALA C 91 -1.33 20.36 18.76
C ALA C 91 -1.03 19.13 17.89
N PRO C 92 -0.14 18.25 18.34
CA PRO C 92 0.05 16.99 17.60
C PRO C 92 -1.24 16.16 17.56
N ILE C 93 -1.43 15.52 16.41
CA ILE C 93 -2.49 14.56 16.20
CA ILE C 93 -2.50 14.56 16.17
C ILE C 93 -1.87 13.17 16.06
N ARG C 94 -2.33 12.23 16.89
CA ARG C 94 -1.75 10.91 16.90
C ARG C 94 -2.67 9.83 16.34
N ASN C 95 -2.10 8.75 15.82
CA ASN C 95 -2.91 7.60 15.46
C ASN C 95 -3.07 6.63 16.63
N GLU C 96 -3.64 5.47 16.35
CA GLU C 96 -3.97 4.53 17.39
C GLU C 96 -2.73 3.87 18.01
N GLN C 97 -1.57 4.04 17.37
CA GLN C 97 -0.32 3.56 17.94
C GLN C 97 0.48 4.68 18.62
N ASP C 98 -0.17 5.81 18.84
CA ASP C 98 0.44 6.98 19.48
C ASP C 98 1.51 7.63 18.60
N LYS C 99 1.53 7.33 17.31
CA LYS C 99 2.44 8.02 16.39
C LYS C 99 1.84 9.33 15.93
N VAL C 100 2.63 10.40 16.03
CA VAL C 100 2.21 11.70 15.54
C VAL C 100 2.22 11.74 14.02
N VAL C 101 1.04 11.91 13.45
CA VAL C 101 0.87 11.92 12.00
C VAL C 101 0.57 13.31 11.42
N LEU C 102 -0.04 14.20 12.20
CA LEU C 102 -0.31 15.56 11.74
C LEU C 102 -0.11 16.54 12.90
N PHE C 103 -0.03 17.81 12.56
CA PHE C 103 -0.13 18.88 13.55
C PHE C 103 -1.30 19.78 13.22
N LEU C 104 -2.14 20.07 14.21
CA LEU C 104 -3.21 21.04 14.05
C LEU C 104 -2.75 22.35 14.67
N CYS C 105 -2.71 23.41 13.86
CA CYS C 105 -2.22 24.70 14.32
C CYS C 105 -3.39 25.67 14.26
N THR C 106 -3.75 26.19 15.43
CA THR C 106 -4.93 26.99 15.56
C THR C 106 -4.53 28.43 15.92
N PHE C 107 -5.19 29.40 15.29
CA PHE C 107 -4.78 30.80 15.37
C PHE C 107 -5.93 31.70 15.73
N SER C 108 -5.65 32.67 16.60
CA SER C 108 -6.60 33.70 16.95
CA SER C 108 -6.60 33.71 16.92
C SER C 108 -5.91 35.07 16.92
N ASP C 109 -6.61 36.08 16.42
CA ASP C 109 -6.04 37.42 16.32
C ASP C 109 -6.33 38.16 17.64
N ILE C 110 -5.29 38.40 18.43
CA ILE C 110 -5.44 39.06 19.73
C ILE C 110 -4.96 40.50 19.67
N THR C 111 -4.77 41.03 18.46
CA THR C 111 -4.24 42.39 18.27
C THR C 111 -5.03 43.44 19.07
N ALA C 112 -6.36 43.35 18.98
CA ALA C 112 -7.24 44.36 19.57
C ALA C 112 -7.21 44.37 21.09
N PHE C 113 -6.64 43.33 21.70
CA PHE C 113 -6.64 43.27 23.16
C PHE C 113 -5.42 42.59 23.76
N LYS C 114 -4.31 42.57 23.03
CA LYS C 114 -3.08 42.08 23.65
C LYS C 114 -2.55 43.14 24.60
N THR D 5 19.28 -11.70 -11.87
CA THR D 5 18.67 -11.94 -10.55
C THR D 5 18.63 -10.65 -9.76
N ASN D 6 18.08 -10.71 -8.55
CA ASN D 6 18.00 -9.52 -7.70
C ASN D 6 18.78 -9.76 -6.41
N PHE D 7 19.85 -9.01 -6.17
CA PHE D 7 20.70 -9.35 -5.04
C PHE D 7 21.42 -8.18 -4.39
N VAL D 8 21.79 -8.39 -3.13
CA VAL D 8 22.77 -7.56 -2.45
C VAL D 8 23.91 -8.51 -2.04
N LEU D 9 25.08 -7.92 -1.80
CA LEU D 9 26.26 -8.66 -1.41
C LEU D 9 26.81 -8.03 -0.13
N GLY D 10 26.97 -8.83 0.90
CA GLY D 10 27.42 -8.37 2.18
C GLY D 10 28.82 -8.85 2.48
N ASN D 11 29.56 -8.05 3.23
CA ASN D 11 30.91 -8.42 3.68
C ASN D 11 30.78 -9.32 4.90
N ALA D 12 31.13 -10.59 4.77
CA ALA D 12 30.91 -11.55 5.85
C ALA D 12 31.85 -11.32 7.03
N GLN D 13 32.90 -10.53 6.81
CA GLN D 13 33.96 -10.40 7.78
C GLN D 13 33.85 -9.13 8.61
N ILE D 14 32.72 -8.42 8.53
CA ILE D 14 32.51 -7.20 9.31
C ILE D 14 31.19 -7.33 10.08
N VAL D 15 31.14 -6.80 11.29
CA VAL D 15 29.92 -6.89 12.13
C VAL D 15 28.70 -6.39 11.33
N ASP D 16 27.60 -7.13 11.46
CA ASP D 16 26.34 -6.84 10.78
C ASP D 16 26.36 -7.07 9.25
N TRP D 17 27.46 -7.60 8.74
CA TRP D 17 27.51 -8.07 7.35
C TRP D 17 27.08 -6.99 6.36
N PRO D 18 27.79 -5.86 6.34
CA PRO D 18 27.31 -4.70 5.60
C PRO D 18 27.36 -4.91 4.10
N ILE D 19 26.35 -4.34 3.45
CA ILE D 19 26.20 -4.39 2.02
C ILE D 19 27.33 -3.60 1.36
N VAL D 20 28.03 -4.25 0.43
CA VAL D 20 29.08 -3.60 -0.33
C VAL D 20 28.71 -3.45 -1.81
N TYR D 21 27.64 -4.12 -2.22
CA TYR D 21 27.11 -3.99 -3.56
C TYR D 21 25.65 -4.41 -3.60
N SER D 22 24.88 -3.76 -4.46
CA SER D 22 23.55 -4.23 -4.82
C SER D 22 23.33 -3.91 -6.29
N ASN D 23 22.43 -4.64 -6.95
CA ASN D 23 22.29 -4.48 -8.38
C ASN D 23 20.97 -3.83 -8.79
N ASP D 24 20.83 -3.63 -10.11
CA ASP D 24 19.66 -3.01 -10.68
C ASP D 24 18.40 -3.84 -10.38
N GLY D 25 18.54 -5.16 -10.42
CA GLY D 25 17.45 -6.07 -10.16
C GLY D 25 16.85 -5.82 -8.78
N PHE D 26 17.72 -5.70 -7.80
CA PHE D 26 17.27 -5.46 -6.43
C PHE D 26 16.58 -4.10 -6.33
N CYS D 27 17.09 -3.09 -7.03
CA CYS D 27 16.44 -1.76 -7.02
C CYS D 27 15.03 -1.82 -7.57
N LYS D 28 14.86 -2.57 -8.66
CA LYS D 28 13.53 -2.66 -9.28
C LYS D 28 12.55 -3.42 -8.41
N LEU D 29 13.06 -4.42 -7.71
CA LEU D 29 12.23 -5.28 -6.91
C LEU D 29 11.81 -4.61 -5.60
N SER D 30 12.75 -3.91 -4.97
CA SER D 30 12.53 -3.42 -3.61
C SER D 30 12.22 -1.93 -3.54
N GLY D 31 12.61 -1.19 -4.58
CA GLY D 31 12.52 0.27 -4.54
C GLY D 31 13.78 0.96 -4.03
N TYR D 32 14.71 0.20 -3.47
CA TYR D 32 15.95 0.76 -2.92
C TYR D 32 17.14 0.75 -3.91
N HIS D 33 17.74 1.91 -4.12
CA HIS D 33 18.93 2.05 -4.94
C HIS D 33 20.16 1.70 -4.12
N ARG D 34 21.24 1.36 -4.81
CA ARG D 34 22.49 1.09 -4.14
C ARG D 34 22.92 2.20 -3.15
N ALA D 35 22.81 3.47 -3.57
CA ALA D 35 23.18 4.60 -2.70
C ALA D 35 22.46 4.56 -1.35
N GLU D 36 21.24 4.05 -1.35
CA GLU D 36 20.40 3.99 -0.16
C GLU D 36 20.73 2.84 0.79
N VAL D 37 21.35 1.77 0.30
CA VAL D 37 21.55 0.58 1.12
C VAL D 37 23.00 0.23 1.41
N MET D 38 23.95 0.90 0.76
CA MET D 38 25.34 0.61 1.03
C MET D 38 25.60 0.75 2.52
N GLN D 39 26.34 -0.21 3.07
CA GLN D 39 26.76 -0.22 4.48
C GLN D 39 25.65 -0.65 5.44
N LYS D 40 24.41 -0.72 4.96
CA LYS D 40 23.36 -1.34 5.77
C LYS D 40 23.57 -2.84 5.86
N SER D 41 23.01 -3.47 6.90
CA SER D 41 23.17 -4.92 7.04
C SER D 41 22.59 -5.67 5.83
N SER D 42 23.31 -6.66 5.32
CA SER D 42 22.81 -7.45 4.18
C SER D 42 21.66 -8.40 4.62
N ALA D 43 21.34 -8.43 5.92
CA ALA D 43 20.10 -9.04 6.38
C ALA D 43 18.90 -8.20 5.96
N CYS D 44 19.15 -6.97 5.52
CA CYS D 44 18.12 -6.14 4.91
C CYS D 44 16.95 -5.85 5.86
N SER D 45 17.29 -5.51 7.11
CA SER D 45 16.26 -5.24 8.08
C SER D 45 15.53 -3.96 7.72
N PHE D 46 16.05 -3.19 6.76
CA PHE D 46 15.37 -1.97 6.32
C PHE D 46 14.06 -2.32 5.62
N MET D 47 13.92 -3.58 5.23
CA MET D 47 12.65 -4.03 4.66
C MET D 47 11.71 -4.76 5.62
N TYR D 48 12.13 -4.96 6.88
CA TYR D 48 11.22 -5.52 7.88
C TYR D 48 10.23 -4.48 8.37
N GLY D 49 9.02 -4.91 8.68
CA GLY D 49 8.03 -4.04 9.31
C GLY D 49 7.13 -4.81 10.25
N GLU D 50 6.03 -4.15 10.59
CA GLU D 50 5.11 -4.64 11.57
C GLU D 50 4.65 -6.06 11.29
N LEU D 51 4.38 -6.37 10.02
CA LEU D 51 3.79 -7.67 9.66
C LEU D 51 4.85 -8.77 9.43
N THR D 52 6.12 -8.38 9.38
CA THR D 52 7.20 -9.35 9.21
C THR D 52 7.22 -10.31 10.41
N ASP D 53 7.34 -11.60 10.10
CA ASP D 53 7.35 -12.63 11.11
C ASP D 53 8.65 -12.58 11.90
N LYS D 54 8.55 -12.25 13.19
CA LYS D 54 9.75 -12.06 14.01
C LYS D 54 10.59 -13.33 14.18
N ASP D 55 9.95 -14.51 14.17
CA ASP D 55 10.66 -15.79 14.20
C ASP D 55 11.52 -16.01 12.95
N THR D 56 10.95 -15.71 11.79
CA THR D 56 11.71 -15.77 10.56
C THR D 56 12.91 -14.79 10.59
N VAL D 57 12.69 -13.57 11.05
CA VAL D 57 13.79 -12.62 11.16
C VAL D 57 14.94 -13.18 12.01
N GLU D 58 14.57 -13.92 13.07
CA GLU D 58 15.57 -14.46 13.97
C GLU D 58 16.34 -15.53 13.25
N LYS D 59 15.64 -16.38 12.49
CA LYS D 59 16.29 -17.44 11.71
C LYS D 59 17.21 -16.88 10.64
N VAL D 60 16.83 -15.77 10.03
CA VAL D 60 17.73 -15.10 9.09
C VAL D 60 18.99 -14.67 9.80
N ARG D 61 18.83 -14.03 10.94
CA ARG D 61 19.98 -13.56 11.71
C ARG D 61 20.89 -14.75 12.05
N GLN D 62 20.29 -15.87 12.45
CA GLN D 62 21.06 -17.06 12.81
C GLN D 62 21.85 -17.66 11.64
N THR D 63 21.29 -17.59 10.45
CA THR D 63 21.99 -18.12 9.29
CA THR D 63 21.93 -18.03 9.21
C THR D 63 23.23 -17.27 8.95
N PHE D 64 23.18 -15.96 9.15
CA PHE D 64 24.38 -15.12 9.02
C PHE D 64 25.36 -15.44 10.13
N GLU D 65 24.89 -15.49 11.37
CA GLU D 65 25.80 -15.77 12.49
C GLU D 65 26.49 -17.11 12.33
N ASN D 66 25.79 -18.07 11.72
CA ASN D 66 26.33 -19.42 11.53
C ASN D 66 27.02 -19.61 10.19
N TYR D 67 27.05 -18.55 9.40
CA TYR D 67 27.72 -18.59 8.12
C TYR D 67 27.21 -19.74 7.28
N GLU D 68 25.89 -19.90 7.20
CA GLU D 68 25.32 -21.03 6.49
C GLU D 68 24.31 -20.59 5.43
N MET D 69 24.11 -21.45 4.43
CA MET D 69 23.13 -21.19 3.40
CA MET D 69 23.14 -21.24 3.36
C MET D 69 21.74 -21.56 3.86
N ASN D 70 20.78 -20.69 3.60
CA ASN D 70 19.38 -21.01 3.92
C ASN D 70 18.51 -20.15 3.06
N SER D 71 17.27 -20.59 2.86
CA SER D 71 16.26 -19.84 2.11
CA SER D 71 16.29 -19.76 2.15
C SER D 71 15.05 -19.61 3.01
N PHE D 72 14.33 -18.52 2.76
CA PHE D 72 13.18 -18.12 3.57
C PHE D 72 12.07 -17.55 2.69
N GLU D 73 10.86 -17.48 3.26
CA GLU D 73 9.76 -16.75 2.68
C GLU D 73 9.44 -15.70 3.74
N ILE D 74 9.45 -14.42 3.39
CA ILE D 74 9.33 -13.37 4.38
CA ILE D 74 9.39 -13.32 4.36
C ILE D 74 8.51 -12.21 3.85
N LEU D 75 7.61 -11.71 4.71
CA LEU D 75 6.77 -10.58 4.35
C LEU D 75 7.57 -9.32 4.64
N MET D 76 7.88 -8.58 3.59
CA MET D 76 8.73 -7.40 3.68
C MET D 76 8.02 -6.18 3.08
N TYR D 77 8.62 -5.01 3.23
CA TYR D 77 8.01 -3.78 2.75
C TYR D 77 8.91 -3.13 1.72
N LYS D 78 8.39 -2.85 0.54
CA LYS D 78 9.13 -2.05 -0.43
C LYS D 78 9.32 -0.64 0.05
N LYS D 79 10.18 0.12 -0.62
CA LYS D 79 10.43 1.49 -0.19
C LYS D 79 9.14 2.32 -0.15
N ASN D 80 8.20 2.04 -1.06
CA ASN D 80 6.89 2.71 -1.06
C ASN D 80 5.90 2.13 -0.05
N ARG D 81 6.38 1.20 0.76
CA ARG D 81 5.66 0.66 1.92
C ARG D 81 4.59 -0.36 1.56
N THR D 82 4.55 -0.78 0.29
CA THR D 82 3.74 -1.92 -0.08
C THR D 82 4.32 -3.20 0.50
N PRO D 83 3.49 -3.98 1.20
CA PRO D 83 3.94 -5.24 1.75
C PRO D 83 3.91 -6.29 0.63
N VAL D 84 4.96 -7.09 0.58
CA VAL D 84 5.12 -8.11 -0.44
C VAL D 84 5.81 -9.34 0.17
N TRP D 85 5.37 -10.52 -0.23
CA TRP D 85 6.09 -11.76 0.10
C TRP D 85 7.32 -11.94 -0.78
N PHE D 86 8.49 -12.03 -0.15
CA PHE D 86 9.72 -12.33 -0.87
C PHE D 86 10.24 -13.68 -0.49
N PHE D 87 10.81 -14.36 -1.48
CA PHE D 87 11.63 -15.52 -1.26
C PHE D 87 13.06 -14.99 -1.23
N VAL D 88 13.80 -15.42 -0.23
CA VAL D 88 15.15 -14.90 -0.03
C VAL D 88 16.10 -16.04 0.20
N LYS D 89 17.25 -16.01 -0.48
CA LYS D 89 18.30 -16.99 -0.24
C LYS D 89 19.53 -16.26 0.25
N ILE D 90 20.12 -16.81 1.30
CA ILE D 90 21.33 -16.26 1.90
C ILE D 90 22.37 -17.31 1.60
N ALA D 91 23.40 -16.94 0.84
CA ALA D 91 24.39 -17.92 0.38
C ALA D 91 25.80 -17.44 0.70
N PRO D 92 26.48 -18.19 1.55
CA PRO D 92 27.89 -17.88 1.83
C PRO D 92 28.73 -18.04 0.57
N ILE D 93 29.64 -17.11 0.37
CA ILE D 93 30.66 -17.23 -0.66
C ILE D 93 31.99 -17.51 0.05
N ARG D 94 32.68 -18.55 -0.38
CA ARG D 94 33.88 -19.03 0.31
C ARG D 94 35.16 -18.81 -0.47
N ASN D 95 36.25 -18.63 0.26
CA ASN D 95 37.53 -18.50 -0.40
C ASN D 95 38.18 -19.87 -0.51
N GLU D 96 39.45 -19.88 -0.88
CA GLU D 96 40.16 -21.13 -1.18
C GLU D 96 40.41 -21.95 0.08
N GLN D 97 40.26 -21.32 1.24
CA GLN D 97 40.51 -21.99 2.50
C GLN D 97 39.17 -22.33 3.18
N ASP D 98 38.10 -22.29 2.39
CA ASP D 98 36.75 -22.64 2.85
C ASP D 98 36.15 -21.62 3.82
N LYS D 99 36.79 -20.46 3.96
CA LYS D 99 36.28 -19.41 4.85
C LYS D 99 35.27 -18.54 4.15
N VAL D 100 34.22 -18.17 4.87
CA VAL D 100 33.16 -17.36 4.28
C VAL D 100 33.59 -15.91 4.26
N VAL D 101 33.65 -15.31 3.08
CA VAL D 101 34.13 -13.94 2.94
C VAL D 101 33.04 -12.95 2.54
N LEU D 102 31.98 -13.46 1.90
CA LEU D 102 30.86 -12.64 1.47
C LEU D 102 29.57 -13.44 1.63
N PHE D 103 28.46 -12.73 1.72
CA PHE D 103 27.14 -13.35 1.62
C PHE D 103 26.42 -12.82 0.38
N LEU D 104 26.01 -13.71 -0.52
CA LEU D 104 25.14 -13.34 -1.63
C LEU D 104 23.69 -13.53 -1.18
N CYS D 105 22.91 -12.46 -1.19
CA CYS D 105 21.53 -12.48 -0.70
C CYS D 105 20.63 -12.18 -1.86
N THR D 106 19.92 -13.19 -2.31
CA THR D 106 19.14 -13.07 -3.53
C THR D 106 17.65 -13.06 -3.18
N PHE D 107 16.91 -12.20 -3.86
CA PHE D 107 15.48 -11.97 -3.61
C PHE D 107 14.67 -12.28 -4.83
N SER D 108 13.53 -12.95 -4.62
CA SER D 108 12.59 -13.14 -5.67
C SER D 108 11.17 -12.90 -5.14
N ASP D 109 10.30 -12.36 -5.98
CA ASP D 109 8.89 -12.26 -5.60
C ASP D 109 8.05 -13.17 -6.48
N ILE D 110 8.72 -14.17 -7.07
CA ILE D 110 8.05 -15.13 -7.96
C ILE D 110 7.99 -16.54 -7.37
N THR D 111 9.13 -17.07 -6.92
CA THR D 111 9.17 -18.48 -6.48
C THR D 111 10.25 -18.78 -5.44
N ALA D 112 10.04 -19.84 -4.66
CA ALA D 112 10.93 -20.22 -3.56
C ALA D 112 12.28 -20.69 -4.08
N PHE D 113 13.35 -20.48 -3.32
CA PHE D 113 14.65 -21.07 -3.67
C PHE D 113 14.68 -22.46 -3.08
N LYS D 114 14.76 -23.45 -3.96
CA LYS D 114 14.81 -24.83 -3.51
C LYS D 114 16.25 -25.27 -3.35
S SO4 E . 0.92 -8.71 -10.97
O1 SO4 E . 0.51 -8.63 -9.57
O2 SO4 E . -0.27 -8.57 -11.81
O3 SO4 E . 1.85 -7.61 -11.25
O4 SO4 E . 1.58 -9.99 -11.23
S SO4 F . 2.79 1.57 7.40
O1 SO4 F . 3.74 2.66 7.67
O2 SO4 F . 2.25 1.74 6.05
O3 SO4 F . 3.47 0.28 7.52
O4 SO4 F . 1.70 1.62 8.36
S SO4 G . 6.36 4.55 -6.23
O1 SO4 G . 6.62 5.16 -4.93
O2 SO4 G . 5.07 3.84 -6.18
O3 SO4 G . 6.31 5.60 -7.24
O4 SO4 G . 7.43 3.59 -6.56
S SO4 H . -6.06 45.63 7.56
O1 SO4 H . -6.63 45.40 8.89
O2 SO4 H . -7.10 46.13 6.66
O3 SO4 H . -4.97 46.58 7.67
O4 SO4 H . -5.54 44.38 7.02
S SO4 I . 21.13 -1.47 9.22
O1 SO4 I . 21.04 -2.16 10.51
O2 SO4 I . 20.05 -1.88 8.33
O3 SO4 I . 21.03 -0.02 9.38
O4 SO4 I . 22.43 -1.83 8.67
S SO4 J . 22.59 -5.67 -13.09
O1 SO4 J . 22.74 -4.45 -12.23
O2 SO4 J . 21.15 -5.81 -13.36
O3 SO4 J . 23.34 -5.51 -14.34
O4 SO4 J . 23.10 -6.89 -12.43
#